data_1H4R
#
_entry.id   1H4R
#
_cell.length_a   87.018
_cell.length_b   89.328
_cell.length_c   96.764
_cell.angle_alpha   90.00
_cell.angle_beta   90.00
_cell.angle_gamma   90.00
#
_symmetry.space_group_name_H-M   'P 21 21 21'
#
loop_
_entity.id
_entity.type
_entity.pdbx_description
1 polymer MERLIN
2 non-polymer 'SULFATE ION'
3 water water
#
_entity_poly.entity_id   1
_entity_poly.type   'polypeptide(L)'
_entity_poly.pdbx_seq_one_letter_code
;GMAGAIASRMSFSSLKRKQPKTFTVRIVTMDAEMEFNCEMKWKGKDLFDLVCRTLGLRETWFFGLQYTIKDTVAWLKMDK
KVLDHDVSKEEPVTFHFLAKFYPENAEEELVQEITQHLFFLQVKKQILDEKIYCPPEASVLLASYAVQAKYGDYDPSVHK
RGFLAQEELLPKRVINLYQMTPEMWEERITAWYAEHRGRARDEAEMEYLKIAQDLEMYGVNYFAIRNKKGTELLLGVDAL
GLHIYDPENRLTPKISFPWNEIRNISYSDKEFTIKPLDKKIDVFKFNSSKLRVNKLILQLCIGNHDLFMRRRKA
;
_entity_poly.pdbx_strand_id   A,B
#
loop_
_chem_comp.id
_chem_comp.type
_chem_comp.name
_chem_comp.formula
SO4 non-polymer 'SULFATE ION' 'O4 S -2'
#
# COMPACT_ATOMS: atom_id res chain seq x y z
N LYS A 21 45.48 21.21 9.68
CA LYS A 21 44.52 22.32 9.84
C LYS A 21 43.18 21.76 9.37
N THR A 22 42.13 22.55 9.53
CA THR A 22 40.84 22.22 8.97
C THR A 22 40.19 23.42 8.32
N PHE A 23 39.17 23.16 7.53
CA PHE A 23 38.36 24.21 6.97
C PHE A 23 36.95 23.81 7.32
N THR A 24 36.09 24.79 7.49
CA THR A 24 34.73 24.52 7.91
C THR A 24 33.90 24.03 6.74
N VAL A 25 33.15 22.95 6.96
CA VAL A 25 32.25 22.46 5.91
C VAL A 25 30.85 22.57 6.49
N ARG A 26 29.93 23.05 5.68
CA ARG A 26 28.54 23.14 6.08
C ARG A 26 27.79 22.03 5.39
N ILE A 27 27.07 21.23 6.17
CA ILE A 27 26.31 20.10 5.66
C ILE A 27 24.83 20.40 5.84
N VAL A 28 24.10 20.37 4.73
CA VAL A 28 22.69 20.67 4.75
C VAL A 28 21.94 19.37 4.54
N THR A 29 21.23 18.91 5.58
CA THR A 29 20.35 17.76 5.48
C THR A 29 18.95 18.30 5.33
N MET A 30 17.99 17.41 5.10
CA MET A 30 16.60 17.84 4.99
C MET A 30 16.07 18.31 6.34
N ASP A 31 16.68 17.81 7.43
CA ASP A 31 16.30 18.18 8.80
C ASP A 31 16.85 19.53 9.27
N ALA A 32 18.13 19.75 9.04
CA ALA A 32 18.79 20.94 9.55
C ALA A 32 20.16 21.04 8.92
N GLU A 33 20.89 22.05 9.34
CA GLU A 33 22.24 22.28 8.87
C GLU A 33 23.20 22.09 10.03
N MET A 34 24.41 21.68 9.73
CA MET A 34 25.41 21.51 10.77
C MET A 34 26.76 21.80 10.14
N GLU A 35 27.75 22.01 10.99
CA GLU A 35 29.08 22.28 10.51
C GLU A 35 30.05 21.32 11.13
N PHE A 36 31.07 20.98 10.36
CA PHE A 36 32.16 20.15 10.81
C PHE A 36 33.49 20.79 10.38
N ASN A 37 34.54 20.40 11.09
CA ASN A 37 35.90 20.75 10.74
C ASN A 37 36.41 19.62 9.85
N CYS A 38 36.66 19.92 8.59
CA CYS A 38 37.11 18.90 7.66
C CYS A 38 38.63 19.02 7.56
N GLU A 39 39.34 17.93 7.79
CA GLU A 39 40.81 18.00 7.64
C GLU A 39 41.17 18.44 6.21
N MET A 40 42.25 19.22 6.07
CA MET A 40 42.57 19.80 4.77
C MET A 40 42.71 18.75 3.67
N LYS A 41 43.14 17.54 4.03
CA LYS A 41 43.35 16.50 3.04
C LYS A 41 42.37 15.35 3.10
N TRP A 42 41.27 15.51 3.83
CA TRP A 42 40.30 14.43 3.91
C TRP A 42 39.74 14.16 2.53
N LYS A 43 39.38 12.91 2.28
CA LYS A 43 38.70 12.52 1.06
C LYS A 43 37.20 12.57 1.29
N GLY A 44 36.45 12.39 0.20
CA GLY A 44 34.99 12.27 0.30
C GLY A 44 34.54 11.27 1.36
N LYS A 45 35.12 10.08 1.34
CA LYS A 45 34.77 9.02 2.25
C LYS A 45 34.85 9.41 3.72
N ASP A 46 35.87 10.19 4.07
CA ASP A 46 36.10 10.61 5.46
C ASP A 46 35.00 11.56 5.95
N LEU A 47 34.66 12.51 5.09
CA LEU A 47 33.66 13.48 5.45
C LEU A 47 32.29 12.80 5.44
N PHE A 48 32.03 11.98 4.44
CA PHE A 48 30.76 11.24 4.34
C PHE A 48 30.58 10.35 5.56
N ASP A 49 31.62 9.62 5.97
CA ASP A 49 31.49 8.76 7.12
C ASP A 49 31.22 9.53 8.42
N LEU A 50 31.83 10.69 8.58
CA LEU A 50 31.63 11.53 9.74
C LEU A 50 30.17 12.01 9.79
N VAL A 51 29.66 12.44 8.65
CA VAL A 51 28.27 12.87 8.59
C VAL A 51 27.34 11.72 8.96
N CYS A 52 27.53 10.55 8.36
CA CYS A 52 26.68 9.39 8.64
C CYS A 52 26.73 8.98 10.12
N ARG A 53 27.94 8.95 10.70
CA ARG A 53 28.07 8.62 12.11
C ARG A 53 27.32 9.62 13.00
N THR A 54 27.46 10.90 12.68
CA THR A 54 26.80 11.96 13.45
C THR A 54 25.29 11.79 13.43
N LEU A 55 24.75 11.37 12.29
CA LEU A 55 23.31 11.14 12.15
C LEU A 55 22.87 9.80 12.74
N GLY A 56 23.83 8.92 13.03
CA GLY A 56 23.48 7.59 13.51
C GLY A 56 22.95 6.74 12.37
N LEU A 57 23.36 7.07 11.15
CA LEU A 57 22.88 6.41 9.95
C LEU A 57 23.81 5.30 9.47
N ARG A 58 23.27 4.08 9.38
CA ARG A 58 24.03 2.93 8.88
C ARG A 58 23.58 2.47 7.49
N GLU A 59 22.39 2.88 7.08
CA GLU A 59 21.88 2.55 5.74
C GLU A 59 22.42 3.61 4.80
N THR A 60 23.74 3.65 4.70
CA THR A 60 24.44 4.72 3.98
C THR A 60 24.47 4.66 2.45
N TRP A 61 24.22 3.48 1.88
CA TRP A 61 24.36 3.27 0.45
C TRP A 61 23.37 4.08 -0.40
N PHE A 62 22.31 4.58 0.20
CA PHE A 62 21.34 5.40 -0.53
C PHE A 62 21.79 6.87 -0.67
N PHE A 63 22.76 7.27 0.15
CA PHE A 63 23.08 8.68 0.31
C PHE A 63 24.41 9.16 -0.27
N GLY A 64 24.50 10.46 -0.45
CA GLY A 64 25.73 11.09 -0.92
C GLY A 64 25.76 12.52 -0.47
N LEU A 65 26.85 13.20 -0.81
CA LEU A 65 27.01 14.60 -0.50
C LEU A 65 27.06 15.35 -1.82
N GLN A 66 26.05 16.21 -2.03
CA GLN A 66 25.84 16.90 -3.30
C GLN A 66 26.30 18.34 -3.33
N TYR A 67 26.78 18.74 -4.50
CA TYR A 67 27.13 20.13 -4.78
C TYR A 67 26.66 20.46 -6.22
N THR A 68 26.89 21.68 -6.67
CA THR A 68 26.44 22.09 -8.00
C THR A 68 27.59 22.67 -8.85
N ILE A 69 27.73 22.16 -10.07
CA ILE A 69 28.71 22.66 -11.03
C ILE A 69 27.90 23.38 -12.08
N LYS A 70 28.01 24.70 -12.12
CA LYS A 70 27.22 25.52 -13.01
C LYS A 70 25.77 25.24 -12.64
N ASP A 71 24.95 24.87 -13.62
CA ASP A 71 23.57 24.48 -13.39
C ASP A 71 23.32 22.98 -13.17
N THR A 72 24.36 22.18 -12.91
CA THR A 72 24.18 20.73 -12.81
C THR A 72 24.61 20.13 -11.49
N VAL A 73 23.90 19.08 -11.09
CA VAL A 73 24.18 18.40 -9.84
C VAL A 73 25.45 17.54 -9.93
N ALA A 74 26.18 17.46 -8.83
CA ALA A 74 27.38 16.63 -8.75
C ALA A 74 27.49 16.03 -7.37
N TRP A 75 28.07 14.84 -7.29
CA TRP A 75 28.19 14.14 -6.01
C TRP A 75 29.65 14.03 -5.64
N LEU A 76 29.95 14.19 -4.35
CA LEU A 76 31.30 13.98 -3.84
C LEU A 76 31.75 12.57 -4.12
N LYS A 77 32.96 12.43 -4.61
CA LYS A 77 33.53 11.13 -4.90
C LYS A 77 34.28 10.67 -3.64
N MET A 78 34.10 9.40 -3.28
CA MET A 78 34.61 8.88 -2.01
C MET A 78 36.15 8.86 -1.93
N ASP A 79 36.81 8.55 -3.06
CA ASP A 79 38.27 8.41 -3.10
C ASP A 79 39.03 9.65 -3.50
N LYS A 80 38.38 10.80 -3.55
CA LYS A 80 39.03 12.03 -3.95
C LYS A 80 38.99 13.05 -2.82
N LYS A 81 40.07 13.83 -2.67
CA LYS A 81 40.12 14.86 -1.64
C LYS A 81 38.97 15.86 -1.84
N VAL A 82 38.27 16.20 -0.77
CA VAL A 82 37.20 17.18 -0.84
C VAL A 82 37.56 18.44 -1.59
N LEU A 83 38.73 19.01 -1.31
CA LEU A 83 39.14 20.26 -1.93
C LEU A 83 39.61 20.11 -3.40
N ASP A 84 39.84 18.88 -3.86
CA ASP A 84 40.21 18.64 -5.26
C ASP A 84 38.94 18.62 -6.11
N HIS A 85 37.79 18.63 -5.46
CA HIS A 85 36.53 18.70 -6.19
C HIS A 85 36.30 20.12 -6.67
N ASP A 86 35.56 20.24 -7.76
CA ASP A 86 35.25 21.54 -8.35
C ASP A 86 34.16 22.24 -7.53
N VAL A 87 34.43 22.42 -6.25
CA VAL A 87 33.45 23.06 -5.37
C VAL A 87 33.96 24.43 -4.96
N SER A 88 33.05 25.39 -4.78
CA SER A 88 33.45 26.72 -4.35
C SER A 88 34.18 26.59 -3.02
N LYS A 89 35.28 27.32 -2.88
CA LYS A 89 36.12 27.26 -1.69
C LYS A 89 35.81 28.36 -0.66
N GLU A 90 34.83 29.20 -0.97
CA GLU A 90 34.38 30.22 -0.04
C GLU A 90 33.82 29.50 1.19
N GLU A 91 34.52 29.59 2.33
CA GLU A 91 34.06 28.97 3.58
C GLU A 91 32.74 29.62 4.01
N PRO A 92 31.76 28.82 4.45
CA PRO A 92 31.89 27.38 4.54
C PRO A 92 31.63 26.68 3.21
N VAL A 93 32.49 25.72 2.92
CA VAL A 93 32.33 24.86 1.78
C VAL A 93 31.07 24.06 2.11
N THR A 94 30.09 24.08 1.21
CA THR A 94 28.78 23.51 1.52
C THR A 94 28.38 22.31 0.67
N PHE A 95 27.85 21.30 1.32
CA PHE A 95 27.34 20.11 0.63
C PHE A 95 25.94 19.82 1.15
N HIS A 96 25.10 19.28 0.29
CA HIS A 96 23.77 18.87 0.71
C HIS A 96 23.76 17.36 0.88
N PHE A 97 23.41 16.87 2.07
CA PHE A 97 23.32 15.43 2.31
C PHE A 97 21.94 15.00 1.85
N LEU A 98 21.90 14.11 0.88
CA LEU A 98 20.66 13.75 0.21
C LEU A 98 20.73 12.31 -0.24
N ALA A 99 19.56 11.71 -0.42
CA ALA A 99 19.50 10.40 -1.02
C ALA A 99 19.79 10.57 -2.51
N LYS A 100 20.74 9.78 -3.01
CA LYS A 100 21.11 9.71 -4.43
C LYS A 100 20.41 8.53 -5.12
N PHE A 101 20.06 7.53 -4.33
CA PHE A 101 19.40 6.33 -4.81
C PHE A 101 18.18 6.07 -3.96
N TYR A 102 17.15 5.47 -4.54
CA TYR A 102 15.89 5.18 -3.84
C TYR A 102 15.67 3.69 -3.77
N PRO A 103 15.07 3.21 -2.69
CA PRO A 103 14.81 1.79 -2.58
C PRO A 103 13.70 1.37 -3.55
N GLU A 104 13.64 0.09 -3.84
CA GLU A 104 12.57 -0.43 -4.68
C GLU A 104 11.29 -0.57 -3.85
N ASN A 105 11.45 -0.79 -2.54
CA ASN A 105 10.36 -1.01 -1.59
C ASN A 105 10.71 -0.32 -0.29
N ALA A 106 10.17 0.87 -0.07
CA ALA A 106 10.56 1.66 1.07
C ALA A 106 10.26 0.98 2.41
N GLU A 107 9.09 0.41 2.55
CA GLU A 107 8.72 -0.19 3.84
C GLU A 107 9.67 -1.34 4.20
N GLU A 108 10.12 -2.08 3.21
CA GLU A 108 11.06 -3.19 3.45
C GLU A 108 12.52 -2.75 3.66
N GLU A 109 12.97 -1.78 2.88
CA GLU A 109 14.37 -1.40 2.87
C GLU A 109 14.82 -0.29 3.82
N LEU A 110 13.91 0.59 4.22
CA LEU A 110 14.29 1.71 5.08
C LEU A 110 13.97 1.32 6.51
N VAL A 111 14.92 0.69 7.18
CA VAL A 111 14.69 0.08 8.49
C VAL A 111 14.89 1.05 9.65
N GLN A 112 15.90 1.91 9.58
CA GLN A 112 16.16 2.85 10.65
C GLN A 112 15.19 4.03 10.58
N GLU A 113 14.82 4.57 11.75
CA GLU A 113 13.97 5.77 11.80
C GLU A 113 14.64 6.96 11.09
N ILE A 114 15.93 7.17 11.33
CA ILE A 114 16.60 8.30 10.67
C ILE A 114 16.51 8.21 9.14
N THR A 115 16.70 7.03 8.60
CA THR A 115 16.69 6.84 7.15
C THR A 115 15.30 7.14 6.59
N GLN A 116 14.28 6.61 7.26
CA GLN A 116 12.90 6.81 6.85
C GLN A 116 12.58 8.30 6.87
N HIS A 117 13.01 8.94 7.94
CA HIS A 117 12.74 10.35 8.14
C HIS A 117 13.39 11.22 7.07
N LEU A 118 14.64 10.95 6.73
CA LEU A 118 15.30 11.75 5.72
C LEU A 118 14.69 11.54 4.34
N PHE A 119 14.30 10.31 4.04
CA PHE A 119 13.60 10.02 2.79
C PHE A 119 12.27 10.77 2.77
N PHE A 120 11.51 10.67 3.85
CA PHE A 120 10.23 11.37 3.95
C PHE A 120 10.35 12.86 3.66
N LEU A 121 11.33 13.52 4.29
CA LEU A 121 11.46 14.96 4.11
C LEU A 121 11.89 15.33 2.69
N GLN A 122 12.77 14.53 2.12
CA GLN A 122 13.28 14.82 0.78
C GLN A 122 12.21 14.61 -0.29
N VAL A 123 11.45 13.53 -0.18
CA VAL A 123 10.40 13.23 -1.16
C VAL A 123 9.23 14.24 -1.02
N LYS A 124 8.88 14.58 0.22
CA LYS A 124 7.85 15.58 0.49
C LYS A 124 8.22 16.90 -0.19
N LYS A 125 9.48 17.31 -0.06
CA LYS A 125 9.88 18.54 -0.70
C LYS A 125 9.79 18.43 -2.24
N GLN A 126 10.14 17.27 -2.79
CA GLN A 126 9.98 17.01 -4.23
C GLN A 126 8.51 17.14 -4.67
N ILE A 127 7.60 16.70 -3.83
CA ILE A 127 6.18 16.81 -4.14
C ILE A 127 5.75 18.25 -4.07
N LEU A 128 6.14 18.93 -3.00
CA LEU A 128 5.73 20.32 -2.79
C LEU A 128 6.34 21.23 -3.85
N ASP A 129 7.56 20.93 -4.27
CA ASP A 129 8.22 21.71 -5.32
C ASP A 129 7.83 21.31 -6.76
N GLU A 130 6.90 20.37 -6.87
CA GLU A 130 6.39 19.91 -8.17
C GLU A 130 7.41 19.15 -9.00
N LYS A 131 8.46 18.62 -8.38
CA LYS A 131 9.41 17.78 -9.12
C LYS A 131 8.81 16.41 -9.38
N ILE A 132 7.91 15.97 -8.52
CA ILE A 132 7.17 14.73 -8.73
C ILE A 132 5.74 15.16 -8.93
N TYR A 133 5.18 14.86 -10.10
CA TYR A 133 3.77 15.17 -10.34
C TYR A 133 2.89 14.47 -9.30
N CYS A 134 1.93 15.18 -8.74
CA CYS A 134 1.04 14.54 -7.78
C CYS A 134 -0.36 15.13 -8.01
N PRO A 135 -1.36 14.29 -8.26
CA PRO A 135 -2.72 14.81 -8.46
C PRO A 135 -3.33 15.34 -7.15
N PRO A 136 -4.41 16.12 -7.24
CA PRO A 136 -4.92 16.83 -6.07
C PRO A 136 -5.40 16.00 -4.91
N GLU A 137 -6.16 14.95 -5.17
CA GLU A 137 -6.71 14.17 -4.04
C GLU A 137 -5.57 13.42 -3.33
N ALA A 138 -4.66 12.90 -4.11
CA ALA A 138 -3.48 12.27 -3.53
C ALA A 138 -2.72 13.28 -2.69
N SER A 139 -2.60 14.52 -3.19
CA SER A 139 -1.87 15.58 -2.51
C SER A 139 -2.46 15.86 -1.14
N VAL A 140 -3.77 15.85 -1.06
CA VAL A 140 -4.44 16.07 0.20
C VAL A 140 -4.19 14.90 1.17
N LEU A 141 -4.31 13.67 0.71
CA LEU A 141 -4.06 12.49 1.54
C LEU A 141 -2.60 12.55 2.05
N LEU A 142 -1.67 12.84 1.15
CA LEU A 142 -0.26 13.01 1.55
C LEU A 142 -0.12 14.08 2.63
N ALA A 143 -0.73 15.26 2.41
CA ALA A 143 -0.66 16.32 3.39
C ALA A 143 -1.15 15.86 4.75
N SER A 144 -2.18 15.02 4.75
CA SER A 144 -2.78 14.59 6.00
C SER A 144 -1.80 13.76 6.82
N TYR A 145 -0.93 13.01 6.15
CA TYR A 145 0.08 12.22 6.86
C TYR A 145 1.21 13.15 7.33
N ALA A 146 1.57 14.15 6.52
CA ALA A 146 2.56 15.12 6.93
C ALA A 146 2.08 15.87 8.19
N VAL A 147 0.78 16.13 8.26
CA VAL A 147 0.24 16.79 9.44
C VAL A 147 0.29 15.84 10.66
N GLN A 148 -0.13 14.60 10.48
CA GLN A 148 -0.04 13.63 11.58
C GLN A 148 1.40 13.52 12.09
N ALA A 149 2.38 13.50 11.17
CA ALA A 149 3.77 13.40 11.57
C ALA A 149 4.24 14.62 12.33
N LYS A 150 3.74 15.80 11.99
CA LYS A 150 4.21 17.02 12.62
C LYS A 150 3.48 17.40 13.92
N TYR A 151 2.17 17.20 13.95
CA TYR A 151 1.34 17.63 15.08
C TYR A 151 0.87 16.51 16.00
N GLY A 152 1.03 15.27 15.58
CA GLY A 152 0.50 14.14 16.34
C GLY A 152 -1.00 14.02 16.10
N ASP A 153 -1.74 13.39 17.00
CA ASP A 153 -3.19 13.21 16.80
C ASP A 153 -3.97 14.52 16.70
N TYR A 154 -4.94 14.53 15.81
CA TYR A 154 -5.90 15.63 15.71
C TYR A 154 -6.63 15.80 17.05
N ASP A 155 -6.66 17.03 17.55
CA ASP A 155 -7.35 17.41 18.80
C ASP A 155 -8.07 18.74 18.49
N PRO A 156 -9.36 18.70 18.25
CA PRO A 156 -10.11 19.91 17.88
C PRO A 156 -10.08 21.02 18.93
N SER A 157 -9.73 20.67 20.17
CA SER A 157 -9.69 21.61 21.28
C SER A 157 -8.41 22.43 21.23
N VAL A 158 -7.44 21.92 20.49
CA VAL A 158 -6.15 22.58 20.32
C VAL A 158 -5.96 23.01 18.87
N HIS A 159 -6.39 22.14 17.95
CA HIS A 159 -6.27 22.40 16.52
C HIS A 159 -7.56 23.03 15.99
N LYS A 160 -7.66 24.34 16.19
CA LYS A 160 -8.83 25.09 15.77
C LYS A 160 -8.75 25.48 14.31
N ARG A 161 -9.90 25.74 13.70
CA ARG A 161 -9.95 26.18 12.32
C ARG A 161 -8.87 27.25 12.14
N GLY A 162 -8.04 27.06 11.13
CA GLY A 162 -6.94 27.96 10.84
C GLY A 162 -5.59 27.49 11.33
N PHE A 163 -5.56 26.39 12.08
CA PHE A 163 -4.30 25.92 12.66
C PHE A 163 -3.22 25.57 11.62
N LEU A 164 -3.65 25.29 10.38
CA LEU A 164 -2.70 24.94 9.31
C LEU A 164 -2.41 26.11 8.35
N ALA A 165 -2.90 27.30 8.70
CA ALA A 165 -2.78 28.43 7.80
C ALA A 165 -1.36 28.78 7.36
N GLN A 166 -0.37 28.56 8.22
CA GLN A 166 1.00 28.96 7.87
C GLN A 166 1.86 27.78 7.42
N GLU A 167 1.24 26.64 7.21
CA GLU A 167 1.96 25.46 6.77
C GLU A 167 1.95 25.35 5.26
N GLU A 168 3.06 24.92 4.68
CA GLU A 168 3.06 24.62 3.25
C GLU A 168 2.72 23.14 3.16
N LEU A 169 1.50 22.84 2.72
CA LEU A 169 1.00 21.48 2.69
C LEU A 169 0.69 20.89 1.31
N LEU A 170 0.37 21.74 0.34
CA LEU A 170 0.03 21.31 -1.02
C LEU A 170 0.88 21.97 -2.11
N PRO A 171 1.09 21.29 -3.24
CA PRO A 171 1.81 21.92 -4.35
C PRO A 171 1.00 23.13 -4.81
N LYS A 172 1.69 24.19 -5.17
CA LYS A 172 1.02 25.40 -5.67
C LYS A 172 0.17 25.09 -6.90
N ARG A 173 0.69 24.21 -7.76
CA ARG A 173 -0.04 23.71 -8.92
C ARG A 173 -1.44 23.24 -8.54
N VAL A 174 -1.55 22.51 -7.44
CA VAL A 174 -2.81 21.97 -7.02
C VAL A 174 -3.73 23.06 -6.52
N ILE A 175 -3.21 23.92 -5.67
CA ILE A 175 -3.99 25.05 -5.16
C ILE A 175 -4.59 25.87 -6.31
N ASN A 176 -3.82 26.05 -7.37
CA ASN A 176 -4.25 26.90 -8.48
C ASN A 176 -5.17 26.25 -9.50
N LEU A 177 -5.49 24.97 -9.31
CA LEU A 177 -6.40 24.27 -10.19
C LEU A 177 -7.84 24.47 -9.77
N TYR A 178 -8.08 25.04 -8.59
CA TYR A 178 -9.43 25.17 -8.07
C TYR A 178 -9.71 26.56 -7.55
N GLN A 179 -10.99 26.82 -7.27
CA GLN A 179 -11.39 28.05 -6.57
C GLN A 179 -11.59 27.71 -5.10
N MET A 180 -10.53 27.32 -4.41
CA MET A 180 -10.69 26.94 -3.00
C MET A 180 -9.79 27.78 -2.14
N THR A 181 -10.33 28.29 -1.03
CA THR A 181 -9.57 29.09 -0.09
C THR A 181 -8.70 28.18 0.75
N PRO A 182 -7.72 28.76 1.43
CA PRO A 182 -6.86 28.00 2.33
C PRO A 182 -7.66 27.27 3.38
N GLU A 183 -8.71 27.90 3.93
CA GLU A 183 -9.56 27.23 4.91
C GLU A 183 -10.31 26.00 4.32
N MET A 184 -10.70 26.09 3.04
CA MET A 184 -11.36 24.97 2.40
C MET A 184 -10.38 23.79 2.22
N TRP A 185 -9.13 24.07 1.84
CA TRP A 185 -8.14 23.01 1.72
C TRP A 185 -7.84 22.43 3.12
N GLU A 186 -7.77 23.30 4.12
CA GLU A 186 -7.54 22.85 5.48
C GLU A 186 -8.62 21.87 5.92
N GLU A 187 -9.87 22.14 5.53
CA GLU A 187 -10.98 21.26 5.83
C GLU A 187 -10.76 19.88 5.17
N ARG A 188 -10.38 19.86 3.92
CA ARG A 188 -10.13 18.60 3.22
C ARG A 188 -9.00 17.83 3.93
N ILE A 189 -7.93 18.52 4.26
CA ILE A 189 -6.76 17.87 4.87
C ILE A 189 -7.13 17.35 6.27
N THR A 190 -7.85 18.18 7.02
CA THR A 190 -8.28 17.78 8.37
C THR A 190 -9.19 16.56 8.40
N ALA A 191 -10.09 16.46 7.43
CA ALA A 191 -10.97 15.30 7.35
C ALA A 191 -10.15 13.98 7.33
N TRP A 192 -9.13 13.95 6.50
CA TRP A 192 -8.23 12.79 6.46
C TRP A 192 -7.41 12.64 7.74
N TYR A 193 -6.87 13.76 8.23
CA TYR A 193 -6.01 13.81 9.41
C TYR A 193 -6.76 13.16 10.57
N ALA A 194 -8.04 13.50 10.68
CA ALA A 194 -8.86 12.92 11.74
C ALA A 194 -8.91 11.38 11.70
N GLU A 195 -8.78 10.79 10.52
CA GLU A 195 -8.82 9.33 10.38
C GLU A 195 -7.50 8.66 10.74
N HIS A 196 -6.43 9.44 10.93
CA HIS A 196 -5.12 8.86 11.27
C HIS A 196 -4.88 8.82 12.79
N ARG A 197 -5.88 9.15 13.59
CA ARG A 197 -5.74 9.17 15.04
C ARG A 197 -5.12 7.86 15.55
N GLY A 198 -4.08 7.96 16.36
CA GLY A 198 -3.41 6.81 16.93
C GLY A 198 -2.12 6.41 16.23
N ARG A 199 -1.89 6.95 15.04
CA ARG A 199 -0.71 6.63 14.27
C ARG A 199 0.51 7.39 14.79
N ALA A 200 1.56 6.65 15.13
CA ALA A 200 2.80 7.29 15.56
C ALA A 200 3.40 8.15 14.46
N ARG A 201 4.15 9.17 14.87
CA ARG A 201 4.74 10.12 13.94
C ARG A 201 5.64 9.45 12.91
N ASP A 202 6.49 8.51 13.34
CA ASP A 202 7.36 7.80 12.39
C ASP A 202 6.57 6.92 11.44
N GLU A 203 5.45 6.40 11.91
CA GLU A 203 4.61 5.55 11.09
C GLU A 203 3.87 6.40 10.06
N ALA A 204 3.52 7.62 10.42
CA ALA A 204 2.84 8.51 9.47
C ALA A 204 3.79 8.89 8.34
N GLU A 205 5.07 9.03 8.66
CA GLU A 205 6.04 9.37 7.63
C GLU A 205 6.19 8.20 6.68
N MET A 206 6.16 6.98 7.21
CA MET A 206 6.25 5.81 6.35
C MET A 206 4.99 5.67 5.50
N GLU A 207 3.82 6.01 6.05
CA GLU A 207 2.59 5.92 5.24
C GLU A 207 2.66 6.92 4.08
N TYR A 208 3.27 8.08 4.33
CA TYR A 208 3.49 9.12 3.32
C TYR A 208 4.35 8.53 2.21
N LEU A 209 5.50 7.97 2.58
CA LEU A 209 6.39 7.35 1.61
C LEU A 209 5.73 6.25 0.78
N LYS A 210 4.87 5.44 1.40
CA LYS A 210 4.26 4.35 0.68
C LYS A 210 3.36 4.87 -0.43
N ILE A 211 2.65 5.96 -0.16
CA ILE A 211 1.81 6.59 -1.19
C ILE A 211 2.68 7.25 -2.25
N ALA A 212 3.69 7.97 -1.80
CA ALA A 212 4.58 8.71 -2.72
C ALA A 212 5.35 7.81 -3.68
N GLN A 213 5.78 6.64 -3.20
CA GLN A 213 6.62 5.76 -4.00
C GLN A 213 5.87 5.19 -5.19
N ASP A 214 4.54 5.22 -5.14
CA ASP A 214 3.75 4.74 -6.25
C ASP A 214 3.47 5.81 -7.30
N LEU A 215 3.83 7.06 -7.02
CA LEU A 215 3.66 8.12 -8.04
C LEU A 215 4.62 7.85 -9.20
N GLU A 216 4.14 8.06 -10.43
CA GLU A 216 4.92 7.75 -11.63
C GLU A 216 6.31 8.39 -11.74
N MET A 217 6.46 9.61 -11.24
CA MET A 217 7.75 10.29 -11.34
C MET A 217 8.68 10.04 -10.15
N TYR A 218 8.19 9.34 -9.13
CA TYR A 218 8.98 9.11 -7.94
C TYR A 218 10.26 8.37 -8.28
N GLY A 219 11.37 8.91 -7.77
CA GLY A 219 12.63 8.22 -7.87
C GLY A 219 13.31 8.25 -9.22
N VAL A 220 12.75 9.02 -10.16
CA VAL A 220 13.30 9.08 -11.51
C VAL A 220 14.16 10.34 -11.71
N ASN A 221 15.37 10.13 -12.22
CA ASN A 221 16.28 11.20 -12.59
C ASN A 221 16.08 11.39 -14.10
N TYR A 222 15.65 12.58 -14.53
CA TYR A 222 15.42 12.85 -15.97
C TYR A 222 16.53 13.69 -16.64
N PHE A 223 16.83 13.35 -17.89
CA PHE A 223 17.87 14.03 -18.67
C PHE A 223 17.43 14.23 -20.10
N ALA A 224 17.68 15.42 -20.64
CA ALA A 224 17.31 15.74 -22.01
C ALA A 224 18.28 15.05 -22.95
N ILE A 225 17.74 14.35 -23.94
CA ILE A 225 18.58 13.59 -24.87
C ILE A 225 18.00 13.69 -26.28
N ARG A 226 18.77 13.24 -27.26
CA ARG A 226 18.32 13.14 -28.64
C ARG A 226 18.62 11.73 -29.12
N ASN A 227 17.64 11.07 -29.75
CA ASN A 227 17.91 9.78 -30.36
C ASN A 227 18.59 10.02 -31.71
N LYS A 228 18.88 8.94 -32.42
CA LYS A 228 19.64 9.02 -33.67
C LYS A 228 18.90 9.64 -34.86
N LYS A 229 17.58 9.80 -34.74
CA LYS A 229 16.80 10.48 -35.77
C LYS A 229 16.77 11.97 -35.44
N GLY A 230 17.39 12.34 -34.33
CA GLY A 230 17.45 13.72 -33.87
C GLY A 230 16.24 14.12 -33.05
N THR A 231 15.46 13.14 -32.62
CA THR A 231 14.27 13.42 -31.85
C THR A 231 14.60 13.78 -30.41
N GLU A 232 14.03 14.87 -29.90
CA GLU A 232 14.18 15.24 -28.49
C GLU A 232 13.39 14.27 -27.62
N LEU A 233 14.06 13.68 -26.66
CA LEU A 233 13.44 12.73 -25.73
C LEU A 233 14.01 12.97 -24.33
N LEU A 234 13.49 12.22 -23.35
CA LEU A 234 14.02 12.25 -21.99
C LEU A 234 14.50 10.85 -21.61
N LEU A 235 15.67 10.80 -20.99
CA LEU A 235 16.22 9.58 -20.41
C LEU A 235 15.80 9.65 -18.93
N GLY A 236 15.22 8.56 -18.44
CA GLY A 236 14.93 8.38 -17.03
C GLY A 236 15.76 7.25 -16.44
N VAL A 237 16.49 7.56 -15.37
CA VAL A 237 17.32 6.59 -14.69
C VAL A 237 16.69 6.39 -13.32
N ASP A 238 16.33 5.16 -12.99
CA ASP A 238 15.77 4.87 -11.68
C ASP A 238 16.22 3.51 -11.15
N ALA A 239 15.66 3.11 -10.03
CA ALA A 239 16.04 1.90 -9.33
C ALA A 239 15.76 0.64 -10.11
N LEU A 240 14.81 0.72 -11.03
CA LEU A 240 14.41 -0.43 -11.83
C LEU A 240 15.11 -0.55 -13.16
N GLY A 241 15.53 0.56 -13.74
CA GLY A 241 16.21 0.52 -15.03
C GLY A 241 16.32 1.87 -15.71
N LEU A 242 16.47 1.83 -17.04
CA LEU A 242 16.58 3.02 -17.88
C LEU A 242 15.31 3.13 -18.72
N HIS A 243 14.84 4.34 -18.92
CA HIS A 243 13.55 4.54 -19.55
C HIS A 243 13.60 5.70 -20.54
N ILE A 244 12.90 5.56 -21.65
CA ILE A 244 12.86 6.61 -22.66
C ILE A 244 11.46 7.19 -22.69
N TYR A 245 11.38 8.50 -22.45
CA TYR A 245 10.14 9.24 -22.43
C TYR A 245 10.03 10.27 -23.57
N ASP A 246 8.82 10.48 -24.05
CA ASP A 246 8.55 11.64 -24.88
C ASP A 246 8.59 12.85 -23.94
N PRO A 247 9.18 13.97 -24.36
CA PRO A 247 9.31 15.14 -23.46
C PRO A 247 8.02 15.66 -22.87
N GLU A 248 6.90 15.47 -23.57
CA GLU A 248 5.62 15.96 -23.09
C GLU A 248 4.90 14.97 -22.16
N ASN A 249 5.55 13.85 -21.87
CA ASN A 249 4.97 12.87 -20.98
C ASN A 249 6.01 12.24 -20.06
N ARG A 250 6.19 12.83 -18.88
CA ARG A 250 7.18 12.30 -17.93
C ARG A 250 6.60 11.24 -17.03
N LEU A 251 5.33 10.90 -17.23
CA LEU A 251 4.66 9.90 -16.39
C LEU A 251 4.84 8.46 -16.86
N THR A 252 4.74 8.23 -18.16
CA THR A 252 4.77 6.89 -18.71
C THR A 252 5.82 6.80 -19.81
N PRO A 253 6.92 6.11 -19.57
CA PRO A 253 7.95 5.99 -20.62
C PRO A 253 7.46 5.05 -21.70
N LYS A 254 7.87 5.30 -22.93
CA LYS A 254 7.49 4.46 -24.08
C LYS A 254 8.32 3.17 -24.12
N ILE A 255 9.55 3.24 -23.64
CA ILE A 255 10.47 2.10 -23.63
C ILE A 255 11.13 1.98 -22.27
N SER A 256 11.26 0.75 -21.78
CA SER A 256 11.97 0.50 -20.53
C SER A 256 13.00 -0.60 -20.72
N PHE A 257 14.20 -0.39 -20.14
CA PHE A 257 15.28 -1.39 -20.12
C PHE A 257 15.55 -1.74 -18.64
N PRO A 258 14.95 -2.82 -18.12
CA PRO A 258 15.26 -3.22 -16.76
C PRO A 258 16.74 -3.48 -16.59
N TRP A 259 17.25 -3.24 -15.39
CA TRP A 259 18.67 -3.36 -15.12
C TRP A 259 19.18 -4.77 -15.40
N ASN A 260 18.31 -5.77 -15.17
CA ASN A 260 18.75 -7.17 -15.37
C ASN A 260 18.69 -7.62 -16.83
N GLU A 261 18.42 -6.67 -17.72
CA GLU A 261 18.31 -6.94 -19.14
C GLU A 261 19.33 -6.13 -19.95
N ILE A 262 20.14 -5.36 -19.22
CA ILE A 262 21.16 -4.51 -19.80
C ILE A 262 22.53 -5.07 -19.52
N ARG A 263 23.34 -5.16 -20.57
CA ARG A 263 24.67 -5.73 -20.47
C ARG A 263 25.57 -4.69 -19.86
N ASN A 264 25.60 -3.53 -20.48
CA ASN A 264 26.43 -2.45 -20.01
C ASN A 264 25.91 -1.11 -20.48
N ILE A 265 26.43 -0.05 -19.88
CA ILE A 265 26.09 1.29 -20.30
C ILE A 265 27.38 2.10 -20.39
N SER A 266 27.62 2.72 -21.55
CA SER A 266 28.84 3.50 -21.77
C SER A 266 28.60 4.70 -22.68
N TYR A 267 29.55 5.62 -22.71
CA TYR A 267 29.44 6.75 -23.62
C TYR A 267 30.81 7.17 -24.15
N SER A 268 30.80 7.74 -25.36
CA SER A 268 32.01 8.26 -25.96
C SER A 268 31.70 9.62 -26.60
N ASP A 269 32.21 10.69 -26.01
CA ASP A 269 31.96 12.04 -26.51
C ASP A 269 30.54 12.41 -26.03
N LYS A 270 29.68 12.85 -26.94
CA LYS A 270 28.27 13.04 -26.64
C LYS A 270 27.36 11.80 -26.85
N GLU A 271 27.90 10.62 -27.15
CA GLU A 271 27.04 9.44 -27.43
C GLU A 271 27.03 8.29 -26.40
N PHE A 272 25.83 7.95 -25.92
CA PHE A 272 25.61 6.84 -24.99
C PHE A 272 25.13 5.61 -25.75
N THR A 273 25.54 4.42 -25.31
CA THR A 273 25.04 3.20 -25.91
C THR A 273 24.53 2.26 -24.83
N ILE A 274 23.26 1.85 -24.96
CA ILE A 274 22.67 0.86 -24.06
C ILE A 274 22.71 -0.45 -24.82
N LYS A 275 23.31 -1.46 -24.20
CA LYS A 275 23.47 -2.76 -24.84
C LYS A 275 22.66 -3.80 -24.12
N PRO A 276 21.55 -4.21 -24.75
CA PRO A 276 20.71 -5.26 -24.22
C PRO A 276 21.42 -6.64 -24.16
N LEU A 277 21.09 -7.43 -23.15
CA LEU A 277 21.62 -8.78 -23.03
C LEU A 277 20.97 -9.70 -24.06
N ASP A 278 19.74 -9.37 -24.46
CA ASP A 278 19.05 -10.12 -25.50
C ASP A 278 19.50 -9.57 -26.84
N LYS A 279 20.41 -10.30 -27.46
CA LYS A 279 21.01 -9.97 -28.74
C LYS A 279 20.00 -9.70 -29.85
N LYS A 280 18.77 -10.19 -29.66
CA LYS A 280 17.72 -9.97 -30.64
C LYS A 280 17.27 -8.51 -30.64
N ILE A 281 17.53 -7.80 -29.54
CA ILE A 281 17.23 -6.34 -29.47
C ILE A 281 18.49 -5.54 -29.81
N ASP A 282 18.39 -4.60 -30.76
CA ASP A 282 19.53 -3.79 -31.17
C ASP A 282 19.94 -2.83 -30.05
N VAL A 283 21.19 -2.40 -30.07
CA VAL A 283 21.66 -1.46 -29.06
C VAL A 283 20.89 -0.17 -29.21
N PHE A 284 20.71 0.53 -28.11
CA PHE A 284 19.96 1.78 -28.13
C PHE A 284 20.95 2.90 -27.93
N LYS A 285 21.06 3.78 -28.91
CA LYS A 285 22.00 4.89 -28.86
C LYS A 285 21.32 6.25 -28.74
N PHE A 286 21.93 7.16 -27.98
CA PHE A 286 21.38 8.50 -27.84
C PHE A 286 22.52 9.47 -27.54
N ASN A 287 22.28 10.75 -27.83
CA ASN A 287 23.28 11.79 -27.60
C ASN A 287 22.91 12.69 -26.45
N SER A 288 23.93 13.19 -25.76
CA SER A 288 23.78 14.15 -24.68
C SER A 288 25.09 14.92 -24.70
N SER A 289 25.01 16.24 -24.85
CA SER A 289 26.20 17.09 -25.07
C SER A 289 26.96 17.57 -23.83
N LYS A 290 26.24 17.89 -22.77
CA LYS A 290 26.88 18.41 -21.56
C LYS A 290 27.68 17.32 -20.79
N LEU A 291 29.00 17.47 -20.79
CA LEU A 291 29.88 16.52 -20.13
C LEU A 291 29.59 16.32 -18.65
N ARG A 292 29.19 17.40 -18.00
CA ARG A 292 28.92 17.37 -16.56
C ARG A 292 27.69 16.53 -16.30
N VAL A 293 26.78 16.57 -17.26
CA VAL A 293 25.54 15.83 -17.20
C VAL A 293 25.84 14.37 -17.45
N ASN A 294 26.67 14.11 -18.48
CA ASN A 294 27.00 12.74 -18.83
C ASN A 294 27.71 12.01 -17.69
N LYS A 295 28.53 12.74 -16.93
CA LYS A 295 29.22 12.12 -15.81
C LYS A 295 28.19 11.69 -14.75
N LEU A 296 27.23 12.57 -14.52
CA LEU A 296 26.17 12.30 -13.56
C LEU A 296 25.32 11.11 -14.00
N ILE A 297 24.93 11.06 -15.28
CA ILE A 297 24.18 9.92 -15.80
C ILE A 297 24.94 8.61 -15.52
N LEU A 298 26.23 8.61 -15.81
CA LEU A 298 27.01 7.39 -15.60
C LEU A 298 27.01 6.90 -14.19
N GLN A 299 27.23 7.82 -13.26
CA GLN A 299 27.26 7.49 -11.85
C GLN A 299 25.94 6.90 -11.43
N LEU A 300 24.85 7.53 -11.87
CA LEU A 300 23.52 7.05 -11.47
C LEU A 300 23.21 5.69 -12.08
N CYS A 301 23.68 5.45 -13.31
CA CYS A 301 23.47 4.16 -13.94
C CYS A 301 24.24 3.06 -13.20
N ILE A 302 25.52 3.29 -12.94
CA ILE A 302 26.33 2.30 -12.25
C ILE A 302 25.78 1.97 -10.86
N GLY A 303 25.45 3.00 -10.09
CA GLY A 303 24.97 2.80 -8.74
C GLY A 303 23.63 2.10 -8.68
N ASN A 304 22.71 2.48 -9.57
CA ASN A 304 21.38 1.88 -9.59
C ASN A 304 21.48 0.43 -10.03
N HIS A 305 22.26 0.19 -11.07
CA HIS A 305 22.42 -1.18 -11.56
C HIS A 305 23.00 -2.03 -10.44
N ASP A 306 24.02 -1.52 -9.77
CA ASP A 306 24.70 -2.28 -8.71
C ASP A 306 23.76 -2.59 -7.54
N LEU A 307 22.96 -1.61 -7.11
CA LEU A 307 22.07 -1.88 -6.00
C LEU A 307 20.97 -2.88 -6.37
N PHE A 308 20.49 -2.81 -7.62
CA PHE A 308 19.46 -3.69 -8.14
C PHE A 308 19.96 -5.15 -8.09
N MET A 309 21.19 -5.36 -8.54
CA MET A 309 21.78 -6.70 -8.52
C MET A 309 21.94 -7.19 -7.09
N ARG A 310 22.47 -6.34 -6.23
CA ARG A 310 22.68 -6.70 -4.83
C ARG A 310 21.38 -7.05 -4.09
N ARG A 311 20.29 -6.33 -4.39
CA ARG A 311 19.01 -6.67 -3.77
C ARG A 311 18.59 -8.08 -4.16
N ARG A 312 19.08 -8.53 -5.30
CA ARG A 312 18.75 -9.86 -5.79
C ARG A 312 19.87 -10.90 -5.57
N LYS A 313 20.75 -10.59 -4.62
CA LYS A 313 21.82 -11.50 -4.17
C LYS A 313 22.84 -11.87 -5.26
N ALA A 314 23.09 -10.93 -6.17
CA ALA A 314 24.04 -11.13 -7.27
C ALA A 314 25.01 -9.98 -7.40
N LYS B 21 -30.17 -41.18 -8.17
CA LYS B 21 -29.81 -40.19 -9.24
C LYS B 21 -29.12 -38.95 -8.65
N THR B 22 -29.54 -37.78 -9.06
CA THR B 22 -28.99 -36.56 -8.49
C THR B 22 -30.10 -35.71 -7.91
N PHE B 23 -29.70 -34.66 -7.20
CA PHE B 23 -30.63 -33.65 -6.74
C PHE B 23 -30.04 -32.30 -7.08
N THR B 24 -30.91 -31.36 -7.35
CA THR B 24 -30.50 -30.02 -7.74
C THR B 24 -30.00 -29.19 -6.56
N VAL B 25 -28.88 -28.52 -6.80
CA VAL B 25 -28.29 -27.64 -5.81
C VAL B 25 -28.20 -26.26 -6.47
N ARG B 26 -28.51 -25.21 -5.72
CA ARG B 26 -28.39 -23.85 -6.24
C ARG B 26 -27.23 -23.21 -5.51
N ILE B 27 -26.33 -22.62 -6.27
CA ILE B 27 -25.15 -21.99 -5.70
C ILE B 27 -25.27 -20.50 -5.99
N VAL B 28 -25.16 -19.70 -4.94
CA VAL B 28 -25.27 -18.27 -5.06
C VAL B 28 -23.89 -17.68 -4.80
N THR B 29 -23.30 -17.07 -5.83
CA THR B 29 -22.05 -16.34 -5.65
C THR B 29 -22.38 -14.87 -5.52
N MET B 30 -21.37 -14.04 -5.30
CA MET B 30 -21.62 -12.60 -5.27
C MET B 30 -21.98 -12.08 -6.66
N ASP B 31 -21.67 -12.86 -7.70
CA ASP B 31 -21.92 -12.46 -9.10
C ASP B 31 -23.27 -12.88 -9.64
N ALA B 32 -23.64 -14.12 -9.36
CA ALA B 32 -24.79 -14.72 -10.00
C ALA B 32 -25.17 -15.99 -9.27
N GLU B 33 -26.18 -16.68 -9.78
CA GLU B 33 -26.64 -17.93 -9.19
C GLU B 33 -26.51 -18.98 -10.27
N MET B 34 -26.27 -20.22 -9.87
CA MET B 34 -26.21 -21.33 -10.80
C MET B 34 -26.64 -22.63 -10.14
N GLU B 35 -26.99 -23.60 -10.98
CA GLU B 35 -27.46 -24.87 -10.50
C GLU B 35 -26.62 -25.99 -11.05
N PHE B 36 -26.48 -27.02 -10.22
CA PHE B 36 -25.78 -28.23 -10.57
C PHE B 36 -26.57 -29.43 -10.12
N ASN B 37 -26.32 -30.55 -10.79
CA ASN B 37 -26.89 -31.82 -10.39
C ASN B 37 -25.93 -32.45 -9.40
N CYS B 38 -26.33 -32.50 -8.13
CA CYS B 38 -25.51 -33.11 -7.08
C CYS B 38 -25.81 -34.61 -6.95
N GLU B 39 -24.78 -35.44 -7.03
CA GLU B 39 -25.03 -36.88 -6.87
C GLU B 39 -25.52 -37.05 -5.40
N MET B 40 -26.70 -37.68 -5.21
CA MET B 40 -27.33 -37.83 -3.88
C MET B 40 -26.38 -38.16 -2.77
N LYS B 41 -25.32 -38.88 -3.10
CA LYS B 41 -24.30 -39.26 -2.14
C LYS B 41 -22.93 -38.51 -2.18
N TRP B 42 -22.76 -37.49 -3.03
CA TRP B 42 -21.50 -36.74 -3.04
C TRP B 42 -21.21 -36.10 -1.66
N LYS B 43 -19.94 -35.87 -1.37
CA LYS B 43 -19.54 -35.19 -0.13
C LYS B 43 -19.37 -33.69 -0.43
N GLY B 44 -19.17 -32.88 0.60
CA GLY B 44 -18.95 -31.46 0.39
C GLY B 44 -17.85 -31.19 -0.60
N LYS B 45 -16.77 -31.96 -0.51
CA LYS B 45 -15.60 -31.80 -1.36
C LYS B 45 -15.95 -31.93 -2.85
N ASP B 46 -16.77 -32.92 -3.19
CA ASP B 46 -17.16 -33.13 -4.59
C ASP B 46 -17.92 -31.91 -5.12
N LEU B 47 -18.93 -31.48 -4.38
CA LEU B 47 -19.75 -30.35 -4.80
C LEU B 47 -18.91 -29.08 -4.85
N PHE B 48 -18.10 -28.87 -3.81
CA PHE B 48 -17.22 -27.69 -3.75
C PHE B 48 -16.24 -27.66 -4.92
N ASP B 49 -15.62 -28.80 -5.22
CA ASP B 49 -14.68 -28.86 -6.33
C ASP B 49 -15.34 -28.55 -7.68
N LEU B 50 -16.55 -29.05 -7.87
CA LEU B 50 -17.31 -28.81 -9.09
C LEU B 50 -17.58 -27.29 -9.24
N VAL B 51 -18.05 -26.66 -8.18
CA VAL B 51 -18.29 -25.21 -8.23
C VAL B 51 -16.99 -24.47 -8.58
N CYS B 52 -15.89 -24.80 -7.91
CA CYS B 52 -14.63 -24.10 -8.18
C CYS B 52 -14.16 -24.29 -9.64
N ARG B 53 -14.23 -25.52 -10.13
CA ARG B 53 -13.89 -25.77 -11.53
C ARG B 53 -14.75 -24.94 -12.50
N THR B 54 -16.05 -24.87 -12.23
CA THR B 54 -16.95 -24.13 -13.09
C THR B 54 -16.61 -22.66 -13.14
N LEU B 55 -16.23 -22.10 -12.00
CA LEU B 55 -15.84 -20.70 -11.92
C LEU B 55 -14.43 -20.45 -12.43
N GLY B 56 -13.66 -21.52 -12.64
CA GLY B 56 -12.28 -21.40 -13.05
C GLY B 56 -11.41 -20.90 -11.90
N LEU B 57 -11.82 -21.20 -10.69
CA LEU B 57 -11.17 -20.69 -9.48
C LEU B 57 -10.29 -21.78 -8.90
N ARG B 58 -8.99 -21.50 -8.79
CA ARG B 58 -8.08 -22.50 -8.28
C ARG B 58 -7.53 -22.16 -6.88
N GLU B 59 -7.74 -20.91 -6.44
CA GLU B 59 -7.33 -20.48 -5.10
C GLU B 59 -8.43 -20.82 -4.12
N THR B 60 -8.66 -22.11 -3.97
CA THR B 60 -9.82 -22.63 -3.29
C THR B 60 -9.81 -22.58 -1.77
N TRP B 61 -8.62 -22.41 -1.20
CA TRP B 61 -8.45 -22.47 0.23
C TRP B 61 -9.19 -21.36 0.98
N PHE B 62 -9.51 -20.28 0.28
CA PHE B 62 -10.23 -19.17 0.93
C PHE B 62 -11.75 -19.38 0.98
N PHE B 63 -12.26 -20.31 0.18
CA PHE B 63 -13.69 -20.38 -0.05
C PHE B 63 -14.43 -21.56 0.60
N GLY B 64 -15.75 -21.41 0.68
CA GLY B 64 -16.62 -22.46 1.20
C GLY B 64 -18.04 -22.27 0.70
N LEU B 65 -18.88 -23.23 1.04
CA LEU B 65 -20.29 -23.18 0.69
C LEU B 65 -21.06 -23.00 1.97
N GLN B 66 -21.73 -21.86 2.09
CA GLN B 66 -22.37 -21.50 3.34
C GLN B 66 -23.88 -21.73 3.33
N TYR B 67 -24.36 -22.16 4.50
CA TYR B 67 -25.77 -22.34 4.78
C TYR B 67 -25.99 -21.78 6.20
N THR B 68 -27.22 -21.80 6.67
CA THR B 68 -27.50 -21.25 8.00
C THR B 68 -28.29 -22.22 8.84
N ILE B 69 -27.93 -22.30 10.11
CA ILE B 69 -28.61 -23.16 11.09
C ILE B 69 -29.15 -22.22 12.14
N LYS B 70 -30.47 -22.10 12.20
CA LYS B 70 -31.11 -21.17 13.12
C LYS B 70 -30.66 -19.80 12.65
N ASP B 71 -30.12 -18.97 13.53
CA ASP B 71 -29.58 -17.72 13.08
C ASP B 71 -28.04 -17.69 13.07
N THR B 72 -27.41 -18.84 12.85
CA THR B 72 -25.95 -18.95 12.82
C THR B 72 -25.38 -19.53 11.52
N VAL B 73 -24.33 -18.90 11.02
CA VAL B 73 -23.67 -19.35 9.80
C VAL B 73 -23.00 -20.69 9.97
N ALA B 74 -22.98 -21.49 8.90
CA ALA B 74 -22.27 -22.76 8.94
C ALA B 74 -21.73 -23.06 7.55
N TRP B 75 -20.65 -23.83 7.51
CA TRP B 75 -19.99 -24.19 6.26
C TRP B 75 -20.04 -25.69 5.98
N LEU B 76 -20.29 -26.04 4.72
CA LEU B 76 -20.30 -27.44 4.31
C LEU B 76 -18.96 -28.05 4.62
N LYS B 77 -18.97 -29.26 5.20
CA LYS B 77 -17.76 -30.00 5.54
C LYS B 77 -17.30 -30.84 4.35
N MET B 78 -16.01 -30.87 4.10
CA MET B 78 -15.47 -31.53 2.90
C MET B 78 -15.66 -33.05 2.89
N ASP B 79 -15.51 -33.66 4.08
CA ASP B 79 -15.58 -35.13 4.19
C ASP B 79 -16.94 -35.70 4.57
N LYS B 80 -17.99 -34.89 4.49
CA LYS B 80 -19.32 -35.32 4.89
C LYS B 80 -20.29 -35.21 3.74
N LYS B 81 -21.20 -36.20 3.61
CA LYS B 81 -22.20 -36.16 2.56
C LYS B 81 -22.99 -34.86 2.63
N VAL B 82 -23.25 -34.28 1.47
CA VAL B 82 -24.00 -33.03 1.40
C VAL B 82 -25.34 -33.12 2.12
N LEU B 83 -26.11 -34.17 1.85
CA LEU B 83 -27.45 -34.30 2.44
C LEU B 83 -27.41 -34.70 3.93
N ASP B 84 -26.24 -35.02 4.45
CA ASP B 84 -26.10 -35.32 5.90
C ASP B 84 -25.98 -34.06 6.74
N HIS B 85 -25.81 -32.90 6.10
CA HIS B 85 -25.71 -31.63 6.80
C HIS B 85 -27.10 -31.16 7.21
N ASP B 86 -27.14 -30.28 8.21
CA ASP B 86 -28.40 -29.76 8.73
C ASP B 86 -28.93 -28.69 7.79
N VAL B 87 -29.34 -29.10 6.61
CA VAL B 87 -29.85 -28.18 5.62
C VAL B 87 -31.19 -28.69 5.08
N SER B 88 -32.03 -27.77 4.65
CA SER B 88 -33.31 -28.13 4.06
C SER B 88 -33.06 -29.16 2.96
N LYS B 89 -33.90 -30.18 2.93
CA LYS B 89 -33.79 -31.21 1.92
C LYS B 89 -34.55 -30.79 0.66
N GLU B 90 -35.34 -29.73 0.78
CA GLU B 90 -36.12 -29.20 -0.33
C GLU B 90 -35.23 -28.77 -1.49
N GLU B 91 -35.58 -29.20 -2.70
CA GLU B 91 -34.83 -28.83 -3.90
C GLU B 91 -35.34 -27.49 -4.38
N PRO B 92 -34.46 -26.61 -4.81
CA PRO B 92 -33.01 -26.86 -4.84
C PRO B 92 -32.33 -26.59 -3.49
N VAL B 93 -31.40 -27.45 -3.13
CA VAL B 93 -30.67 -27.29 -1.89
C VAL B 93 -29.73 -26.13 -2.17
N THR B 94 -29.79 -25.07 -1.36
CA THR B 94 -29.07 -23.84 -1.68
C THR B 94 -27.88 -23.55 -0.77
N PHE B 95 -26.78 -23.15 -1.38
CA PHE B 95 -25.58 -22.76 -0.64
C PHE B 95 -25.07 -21.45 -1.20
N HIS B 96 -24.43 -20.67 -0.35
CA HIS B 96 -23.82 -19.43 -0.80
C HIS B 96 -22.32 -19.63 -0.86
N PHE B 97 -21.74 -19.43 -2.05
CA PHE B 97 -20.31 -19.59 -2.28
C PHE B 97 -19.68 -18.25 -1.86
N LEU B 98 -18.87 -18.30 -0.82
CA LEU B 98 -18.31 -17.12 -0.23
C LEU B 98 -16.91 -17.40 0.30
N ALA B 99 -16.13 -16.34 0.47
CA ALA B 99 -14.85 -16.45 1.15
C ALA B 99 -15.10 -16.68 2.64
N LYS B 100 -14.46 -17.72 3.18
CA LYS B 100 -14.58 -18.10 4.59
C LYS B 100 -13.37 -17.53 5.32
N PHE B 101 -12.28 -17.41 4.56
CA PHE B 101 -11.00 -16.92 5.06
C PHE B 101 -10.53 -15.79 4.17
N TYR B 102 -9.72 -14.89 4.73
CA TYR B 102 -9.22 -13.72 4.02
C TYR B 102 -7.70 -13.74 3.98
N PRO B 103 -7.11 -13.26 2.90
CA PRO B 103 -5.65 -13.17 2.85
C PRO B 103 -5.18 -12.03 3.74
N GLU B 104 -3.91 -12.07 4.09
CA GLU B 104 -3.30 -10.99 4.85
C GLU B 104 -2.96 -9.84 3.92
N ASN B 105 -2.47 -10.17 2.73
CA ASN B 105 -2.24 -9.14 1.71
C ASN B 105 -2.79 -9.60 0.42
N ALA B 106 -3.92 -9.02 0.05
CA ALA B 106 -4.62 -9.39 -1.16
C ALA B 106 -3.77 -9.22 -2.40
N GLU B 107 -2.93 -8.20 -2.46
CA GLU B 107 -2.16 -7.91 -3.66
C GLU B 107 -1.14 -9.04 -3.87
N GLU B 108 -0.61 -9.55 -2.78
CA GLU B 108 0.37 -10.62 -2.83
C GLU B 108 -0.27 -11.99 -3.08
N GLU B 109 -1.36 -12.27 -2.38
CA GLU B 109 -1.92 -13.60 -2.35
C GLU B 109 -2.97 -13.98 -3.38
N LEU B 110 -3.76 -13.02 -3.83
CA LEU B 110 -4.82 -13.31 -4.79
C LEU B 110 -4.33 -13.17 -6.24
N VAL B 111 -3.91 -14.28 -6.84
CA VAL B 111 -3.33 -14.24 -8.20
C VAL B 111 -4.36 -14.24 -9.35
N GLN B 112 -5.50 -14.90 -9.18
CA GLN B 112 -6.49 -14.96 -10.25
C GLN B 112 -7.51 -13.81 -10.22
N GLU B 113 -7.95 -13.41 -11.42
CA GLU B 113 -8.96 -12.37 -11.56
C GLU B 113 -10.28 -12.79 -10.93
N ILE B 114 -10.71 -14.03 -11.14
CA ILE B 114 -11.98 -14.44 -10.55
C ILE B 114 -11.92 -14.31 -9.02
N THR B 115 -10.81 -14.72 -8.43
CA THR B 115 -10.65 -14.70 -6.99
C THR B 115 -10.70 -13.27 -6.47
N GLN B 116 -9.93 -12.40 -7.13
CA GLN B 116 -9.92 -10.99 -6.78
C GLN B 116 -11.32 -10.38 -6.84
N HIS B 117 -12.05 -10.71 -7.91
CA HIS B 117 -13.37 -10.17 -8.18
C HIS B 117 -14.38 -10.57 -7.12
N LEU B 118 -14.38 -11.84 -6.75
CA LEU B 118 -15.35 -12.32 -5.77
C LEU B 118 -15.07 -11.76 -4.36
N PHE B 119 -13.80 -11.60 -4.01
CA PHE B 119 -13.43 -10.91 -2.78
C PHE B 119 -13.91 -9.45 -2.82
N PHE B 120 -13.67 -8.79 -3.94
CA PHE B 120 -14.07 -7.41 -4.09
C PHE B 120 -15.58 -7.24 -3.84
N LEU B 121 -16.39 -8.06 -4.47
CA LEU B 121 -17.84 -7.92 -4.29
C LEU B 121 -18.28 -8.23 -2.87
N GLN B 122 -17.70 -9.28 -2.29
CA GLN B 122 -18.07 -9.66 -0.94
C GLN B 122 -17.68 -8.57 0.08
N VAL B 123 -16.46 -8.06 -0.05
CA VAL B 123 -15.96 -7.05 0.91
C VAL B 123 -16.72 -5.72 0.71
N LYS B 124 -16.99 -5.36 -0.55
CA LYS B 124 -17.72 -4.11 -0.81
C LYS B 124 -19.10 -4.16 -0.14
N LYS B 125 -19.78 -5.29 -0.24
CA LYS B 125 -21.08 -5.45 0.39
C LYS B 125 -20.98 -5.30 1.90
N GLN B 126 -19.93 -5.87 2.50
CA GLN B 126 -19.69 -5.71 3.93
C GLN B 126 -19.53 -4.24 4.30
N ILE B 127 -18.82 -3.48 3.46
CA ILE B 127 -18.60 -2.06 3.70
C ILE B 127 -19.90 -1.30 3.57
N LEU B 128 -20.63 -1.56 2.50
CA LEU B 128 -21.86 -0.82 2.24
C LEU B 128 -22.93 -1.15 3.28
N ASP B 129 -22.92 -2.38 3.80
CA ASP B 129 -23.88 -2.79 4.83
C ASP B 129 -23.40 -2.51 6.27
N GLU B 130 -22.24 -1.87 6.43
CA GLU B 130 -21.68 -1.48 7.74
C GLU B 130 -21.30 -2.65 8.61
N LYS B 131 -20.85 -3.74 7.99
CA LYS B 131 -20.33 -4.89 8.74
C LYS B 131 -18.90 -4.59 9.16
N ILE B 132 -18.20 -3.83 8.32
CA ILE B 132 -16.85 -3.41 8.62
C ILE B 132 -16.99 -1.90 8.78
N TYR B 133 -16.63 -1.36 9.94
CA TYR B 133 -16.59 0.09 10.08
C TYR B 133 -15.65 0.70 9.03
N CYS B 134 -16.09 1.78 8.39
CA CYS B 134 -15.28 2.46 7.39
C CYS B 134 -15.49 3.96 7.57
N PRO B 135 -14.45 4.72 7.86
CA PRO B 135 -14.62 6.16 8.09
C PRO B 135 -14.92 6.86 6.76
N PRO B 136 -15.40 8.10 6.82
CA PRO B 136 -15.89 8.77 5.62
C PRO B 136 -14.89 8.98 4.49
N GLU B 137 -13.69 9.45 4.78
CA GLU B 137 -12.77 9.75 3.70
C GLU B 137 -12.35 8.44 3.00
N ALA B 138 -12.07 7.43 3.81
CA ALA B 138 -11.82 6.09 3.24
C ALA B 138 -12.98 5.59 2.39
N SER B 139 -14.23 5.85 2.82
CA SER B 139 -15.39 5.38 2.09
C SER B 139 -15.48 6.04 0.72
N VAL B 140 -15.05 7.29 0.64
CA VAL B 140 -15.15 8.01 -0.62
C VAL B 140 -14.08 7.48 -1.59
N LEU B 141 -12.89 7.24 -1.06
CA LEU B 141 -11.78 6.69 -1.84
C LEU B 141 -12.18 5.32 -2.38
N LEU B 142 -12.77 4.48 -1.52
CA LEU B 142 -13.27 3.17 -1.94
C LEU B 142 -14.32 3.29 -3.04
N ALA B 143 -15.29 4.19 -2.86
CA ALA B 143 -16.35 4.37 -3.84
C ALA B 143 -15.75 4.74 -5.21
N SER B 144 -14.70 5.55 -5.20
CA SER B 144 -14.07 5.96 -6.44
C SER B 144 -13.50 4.76 -7.22
N TYR B 145 -13.01 3.73 -6.53
CA TYR B 145 -12.49 2.53 -7.18
C TYR B 145 -13.64 1.63 -7.64
N ALA B 146 -14.73 1.59 -6.86
CA ALA B 146 -15.91 0.85 -7.29
C ALA B 146 -16.47 1.46 -8.58
N VAL B 147 -16.45 2.78 -8.67
CA VAL B 147 -16.90 3.48 -9.87
C VAL B 147 -15.97 3.17 -11.06
N GLN B 148 -14.65 3.22 -10.85
CA GLN B 148 -13.69 2.86 -11.89
C GLN B 148 -13.92 1.42 -12.41
N ALA B 149 -14.16 0.52 -11.48
CA ALA B 149 -14.37 -0.89 -11.80
C ALA B 149 -15.64 -1.08 -12.64
N LYS B 150 -16.67 -0.30 -12.36
CA LYS B 150 -17.94 -0.47 -13.04
C LYS B 150 -18.06 0.31 -14.34
N TYR B 151 -17.62 1.57 -14.31
CA TYR B 151 -17.78 2.49 -15.44
C TYR B 151 -16.58 2.65 -16.38
N GLY B 152 -15.40 2.20 -15.95
CA GLY B 152 -14.18 2.47 -16.68
C GLY B 152 -13.76 3.91 -16.46
N ASP B 153 -12.93 4.43 -17.37
CA ASP B 153 -12.37 5.77 -17.20
C ASP B 153 -13.40 6.89 -17.12
N TYR B 154 -13.16 7.84 -16.22
CA TYR B 154 -13.97 9.05 -16.11
C TYR B 154 -13.86 9.80 -17.43
N ASP B 155 -14.99 10.31 -17.91
CA ASP B 155 -15.06 11.08 -19.14
C ASP B 155 -16.13 12.15 -18.92
N PRO B 156 -15.74 13.38 -18.65
CA PRO B 156 -16.70 14.45 -18.38
C PRO B 156 -17.72 14.69 -19.49
N SER B 157 -17.47 14.17 -20.70
CA SER B 157 -18.41 14.34 -21.81
C SER B 157 -19.55 13.33 -21.73
N VAL B 158 -19.30 12.20 -21.07
CA VAL B 158 -20.33 11.16 -20.90
C VAL B 158 -20.85 11.17 -19.46
N HIS B 159 -19.94 11.30 -18.50
CA HIS B 159 -20.29 11.32 -17.08
C HIS B 159 -20.52 12.76 -16.59
N LYS B 160 -21.69 13.30 -16.90
CA LYS B 160 -22.03 14.66 -16.49
C LYS B 160 -22.61 14.68 -15.07
N ARG B 161 -22.64 15.86 -14.47
CA ARG B 161 -23.20 16.03 -13.14
C ARG B 161 -24.47 15.21 -12.99
N GLY B 162 -24.49 14.35 -11.97
CA GLY B 162 -25.65 13.53 -11.66
C GLY B 162 -25.55 12.10 -12.15
N PHE B 163 -24.44 11.76 -12.82
CA PHE B 163 -24.29 10.41 -13.39
C PHE B 163 -24.27 9.29 -12.35
N LEU B 164 -24.02 9.63 -11.09
CA LEU B 164 -24.01 8.61 -10.03
C LEU B 164 -25.26 8.62 -9.15
N ALA B 165 -26.27 9.41 -9.51
CA ALA B 165 -27.51 9.54 -8.70
C ALA B 165 -28.25 8.25 -8.34
N GLN B 166 -28.08 7.18 -9.10
CA GLN B 166 -28.78 5.92 -8.76
C GLN B 166 -27.86 4.77 -8.32
N GLU B 167 -26.62 5.09 -7.99
CA GLU B 167 -25.66 4.07 -7.57
C GLU B 167 -25.55 4.02 -6.04
N GLU B 168 -25.50 2.83 -5.45
CA GLU B 168 -25.26 2.74 -4.00
C GLU B 168 -23.75 2.64 -3.83
N LEU B 169 -23.14 3.75 -3.41
CA LEU B 169 -21.68 3.81 -3.30
C LEU B 169 -21.14 4.02 -1.91
N LEU B 170 -21.96 4.47 -0.95
CA LEU B 170 -21.44 4.83 0.37
C LEU B 170 -22.26 4.19 1.47
N PRO B 171 -21.64 3.92 2.63
CA PRO B 171 -22.38 3.44 3.80
C PRO B 171 -23.35 4.55 4.32
N LYS B 172 -24.54 4.18 4.75
CA LYS B 172 -25.48 5.17 5.24
C LYS B 172 -24.90 5.98 6.39
N ARG B 173 -24.14 5.31 7.25
CA ARG B 173 -23.55 5.95 8.41
C ARG B 173 -22.68 7.13 8.01
N VAL B 174 -22.05 7.05 6.85
CA VAL B 174 -21.17 8.10 6.38
C VAL B 174 -21.96 9.36 5.98
N ILE B 175 -23.13 9.17 5.41
CA ILE B 175 -24.01 10.29 5.07
C ILE B 175 -24.45 11.02 6.33
N ASN B 176 -24.63 10.25 7.38
CA ASN B 176 -25.05 10.81 8.65
C ASN B 176 -23.95 11.69 9.26
N LEU B 177 -22.69 11.37 8.98
CA LEU B 177 -21.56 12.12 9.53
C LEU B 177 -21.23 13.41 8.78
N TYR B 178 -21.51 13.48 7.49
CA TYR B 178 -21.24 14.67 6.72
C TYR B 178 -22.53 15.33 6.30
N GLN B 179 -22.56 16.66 6.32
CA GLN B 179 -23.76 17.38 5.94
C GLN B 179 -23.58 17.99 4.57
N MET B 180 -23.51 17.12 3.56
CA MET B 180 -23.29 17.56 2.20
C MET B 180 -24.51 17.28 1.34
N THR B 181 -24.64 18.10 0.31
CA THR B 181 -25.69 18.00 -0.66
C THR B 181 -25.35 16.86 -1.60
N PRO B 182 -26.34 16.38 -2.34
CA PRO B 182 -26.13 15.32 -3.34
C PRO B 182 -25.00 15.63 -4.31
N GLU B 183 -25.00 16.84 -4.83
CA GLU B 183 -23.96 17.30 -5.76
C GLU B 183 -22.56 17.24 -5.13
N MET B 184 -22.43 17.65 -3.88
CA MET B 184 -21.11 17.61 -3.21
C MET B 184 -20.63 16.17 -2.95
N TRP B 185 -21.54 15.27 -2.60
CA TRP B 185 -21.10 13.87 -2.40
C TRP B 185 -20.60 13.34 -3.73
N GLU B 186 -21.35 13.62 -4.80
CA GLU B 186 -20.95 13.14 -6.11
C GLU B 186 -19.58 13.72 -6.49
N GLU B 187 -19.37 15.01 -6.20
CA GLU B 187 -18.12 15.68 -6.54
C GLU B 187 -16.92 15.03 -5.81
N ARG B 188 -17.12 14.74 -4.53
CA ARG B 188 -16.07 14.09 -3.73
C ARG B 188 -15.65 12.74 -4.34
N ILE B 189 -16.61 11.91 -4.74
CA ILE B 189 -16.30 10.62 -5.39
C ILE B 189 -15.62 10.85 -6.76
N THR B 190 -16.20 11.73 -7.57
CA THR B 190 -15.65 12.06 -8.88
C THR B 190 -14.22 12.56 -8.84
N ALA B 191 -13.91 13.36 -7.84
CA ALA B 191 -12.56 13.91 -7.68
C ALA B 191 -11.52 12.77 -7.64
N TRP B 192 -11.80 11.76 -6.83
CA TRP B 192 -10.90 10.63 -6.75
C TRP B 192 -10.95 9.81 -8.05
N TYR B 193 -12.15 9.59 -8.55
CA TYR B 193 -12.41 8.82 -9.76
C TYR B 193 -11.59 9.33 -10.95
N ALA B 194 -11.55 10.64 -11.09
CA ALA B 194 -10.79 11.30 -12.15
C ALA B 194 -9.28 10.95 -12.12
N GLU B 195 -8.76 10.64 -10.94
CA GLU B 195 -7.34 10.30 -10.79
C GLU B 195 -7.01 8.84 -11.08
N HIS B 196 -8.03 8.02 -11.35
CA HIS B 196 -7.79 6.61 -11.61
C HIS B 196 -7.78 6.32 -13.13
N ARG B 197 -7.83 7.37 -13.96
CA ARG B 197 -7.85 7.20 -15.41
C ARG B 197 -6.69 6.32 -15.85
N GLY B 198 -7.01 5.34 -16.68
CA GLY B 198 -6.02 4.43 -17.20
C GLY B 198 -5.99 3.11 -16.47
N ARG B 199 -6.78 2.97 -15.40
CA ARG B 199 -6.79 1.74 -14.62
C ARG B 199 -7.84 0.77 -15.12
N ALA B 200 -7.42 -0.46 -15.40
CA ALA B 200 -8.36 -1.45 -15.86
C ALA B 200 -9.31 -1.86 -14.75
N ARG B 201 -10.45 -2.44 -15.12
CA ARG B 201 -11.43 -2.88 -14.13
C ARG B 201 -10.84 -3.72 -13.03
N ASP B 202 -10.09 -4.75 -13.40
CA ASP B 202 -9.54 -5.66 -12.40
C ASP B 202 -8.55 -4.99 -11.48
N GLU B 203 -7.84 -4.01 -12.03
CA GLU B 203 -6.90 -3.25 -11.22
C GLU B 203 -7.63 -2.43 -10.17
N ALA B 204 -8.73 -1.83 -10.58
CA ALA B 204 -9.52 -0.99 -9.67
C ALA B 204 -10.05 -1.81 -8.50
N GLU B 205 -10.51 -3.02 -8.80
CA GLU B 205 -11.04 -3.90 -7.74
C GLU B 205 -9.93 -4.29 -6.76
N MET B 206 -8.71 -4.49 -7.26
CA MET B 206 -7.60 -4.79 -6.39
C MET B 206 -7.21 -3.57 -5.52
N GLU B 207 -7.22 -2.39 -6.11
CA GLU B 207 -6.94 -1.17 -5.37
C GLU B 207 -7.97 -1.01 -4.25
N TYR B 208 -9.21 -1.36 -4.53
CA TYR B 208 -10.28 -1.33 -3.53
C TYR B 208 -9.89 -2.24 -2.37
N LEU B 209 -9.49 -3.49 -2.66
CA LEU B 209 -9.11 -4.44 -1.62
C LEU B 209 -7.92 -3.95 -0.81
N LYS B 210 -6.97 -3.31 -1.48
CA LYS B 210 -5.77 -2.81 -0.82
C LYS B 210 -6.12 -1.80 0.26
N ILE B 211 -7.12 -0.96 0.00
CA ILE B 211 -7.57 0.01 0.99
C ILE B 211 -8.42 -0.68 2.09
N ALA B 212 -9.40 -1.47 1.66
CA ALA B 212 -10.31 -2.15 2.58
C ALA B 212 -9.61 -3.07 3.59
N GLN B 213 -8.55 -3.76 3.15
CA GLN B 213 -7.91 -4.73 4.02
C GLN B 213 -7.18 -4.06 5.19
N ASP B 214 -6.96 -2.76 5.12
CA ASP B 214 -6.31 -2.07 6.20
C ASP B 214 -7.30 -1.62 7.26
N LEU B 215 -8.58 -1.67 6.96
CA LEU B 215 -9.60 -1.32 7.97
C LEU B 215 -9.53 -2.29 9.15
N GLU B 216 -9.63 -1.75 10.35
CA GLU B 216 -9.49 -2.53 11.56
C GLU B 216 -10.43 -3.75 11.69
N MET B 217 -11.66 -3.65 11.17
CA MET B 217 -12.61 -4.75 11.28
C MET B 217 -12.58 -5.73 10.11
N TYR B 218 -11.77 -5.42 9.09
CA TYR B 218 -11.70 -6.25 7.89
C TYR B 218 -11.27 -7.67 8.22
N GLY B 219 -12.06 -8.62 7.75
CA GLY B 219 -11.73 -10.03 7.90
C GLY B 219 -11.83 -10.60 9.32
N VAL B 220 -12.43 -9.87 10.24
CA VAL B 220 -12.56 -10.37 11.60
C VAL B 220 -13.95 -10.96 11.85
N ASN B 221 -13.96 -12.20 12.36
CA ASN B 221 -15.19 -12.88 12.79
C ASN B 221 -15.35 -12.63 14.32
N TYR B 222 -16.39 -11.92 14.74
CA TYR B 222 -16.59 -11.64 16.17
C TYR B 222 -17.62 -12.56 16.84
N PHE B 223 -17.31 -12.94 18.08
CA PHE B 223 -18.17 -13.81 18.90
C PHE B 223 -18.28 -13.31 20.34
N ALA B 224 -19.48 -13.34 20.91
CA ALA B 224 -19.68 -12.93 22.30
C ALA B 224 -19.20 -14.06 23.19
N ILE B 225 -18.34 -13.72 24.15
CA ILE B 225 -17.80 -14.68 25.10
C ILE B 225 -17.80 -14.04 26.49
N ARG B 226 -17.43 -14.85 27.48
CA ARG B 226 -17.23 -14.38 28.83
C ARG B 226 -15.91 -14.97 29.32
N ASN B 227 -15.09 -14.16 29.98
CA ASN B 227 -13.88 -14.70 30.59
C ASN B 227 -14.25 -15.39 31.90
N LYS B 228 -13.24 -15.94 32.57
CA LYS B 228 -13.45 -16.70 33.80
C LYS B 228 -13.99 -15.85 34.94
N LYS B 229 -13.82 -14.53 34.89
CA LYS B 229 -14.39 -13.64 35.91
C LYS B 229 -15.82 -13.24 35.55
N GLY B 230 -16.34 -13.77 34.45
CA GLY B 230 -17.71 -13.50 34.02
C GLY B 230 -17.89 -12.24 33.20
N THR B 231 -16.78 -11.62 32.80
CA THR B 231 -16.82 -10.39 32.04
C THR B 231 -17.20 -10.65 30.59
N GLU B 232 -18.14 -9.86 30.08
CA GLU B 232 -18.55 -9.96 28.69
C GLU B 232 -17.48 -9.36 27.79
N LEU B 233 -17.04 -10.16 26.84
CA LEU B 233 -16.01 -9.75 25.90
C LEU B 233 -16.36 -10.24 24.50
N LEU B 234 -15.53 -9.88 23.54
CA LEU B 234 -15.66 -10.40 22.20
C LEU B 234 -14.39 -11.13 21.82
N LEU B 235 -14.59 -12.30 21.24
CA LEU B 235 -13.51 -13.04 20.62
C LEU B 235 -13.49 -12.65 19.14
N GLY B 236 -12.32 -12.27 18.63
CA GLY B 236 -12.15 -12.01 17.22
C GLY B 236 -11.26 -13.08 16.64
N VAL B 237 -11.72 -13.73 15.58
CA VAL B 237 -10.93 -14.73 14.92
C VAL B 237 -10.63 -14.18 13.53
N ASP B 238 -9.34 -14.12 13.19
CA ASP B 238 -8.93 -13.56 11.89
C ASP B 238 -7.68 -14.24 11.37
N ALA B 239 -7.18 -13.73 10.26
CA ALA B 239 -6.08 -14.40 9.59
C ALA B 239 -4.79 -14.34 10.38
N LEU B 240 -4.70 -13.35 11.29
CA LEU B 240 -3.52 -13.14 12.12
C LEU B 240 -3.50 -13.91 13.43
N GLY B 241 -4.64 -14.17 14.03
CA GLY B 241 -4.70 -14.88 15.29
C GLY B 241 -6.05 -14.80 15.96
N LEU B 242 -6.02 -14.93 17.28
CA LEU B 242 -7.20 -14.85 18.12
C LEU B 242 -7.03 -13.57 18.93
N HIS B 243 -8.11 -12.84 19.13
CA HIS B 243 -7.98 -11.54 19.74
C HIS B 243 -9.10 -11.34 20.74
N ILE B 244 -8.79 -10.67 21.85
CA ILE B 244 -9.82 -10.37 22.83
C ILE B 244 -10.16 -8.89 22.81
N TYR B 245 -11.43 -8.57 22.56
CA TYR B 245 -11.88 -7.19 22.54
C TYR B 245 -12.83 -6.86 23.68
N ASP B 246 -12.79 -5.62 24.13
CA ASP B 246 -13.87 -5.12 24.97
C ASP B 246 -15.08 -4.93 24.04
N PRO B 247 -16.29 -5.28 24.48
CA PRO B 247 -17.49 -5.19 23.61
C PRO B 247 -17.76 -3.86 22.95
N GLU B 248 -17.35 -2.77 23.60
CA GLU B 248 -17.61 -1.43 23.10
C GLU B 248 -16.56 -0.96 22.10
N ASN B 249 -15.56 -1.81 21.85
CA ASN B 249 -14.48 -1.41 20.97
C ASN B 249 -14.04 -2.57 20.07
N ARG B 250 -14.65 -2.64 18.89
CA ARG B 250 -14.36 -3.70 17.95
C ARG B 250 -13.16 -3.35 17.06
N LEU B 251 -12.58 -2.17 17.27
CA LEU B 251 -11.47 -1.73 16.43
C LEU B 251 -10.10 -2.22 16.86
N THR B 252 -9.84 -2.17 18.17
CA THR B 252 -8.55 -2.48 18.70
C THR B 252 -8.71 -3.46 19.83
N PRO B 253 -8.21 -4.68 19.65
CA PRO B 253 -8.31 -5.69 20.71
C PRO B 253 -7.29 -5.40 21.78
N LYS B 254 -7.61 -5.79 23.01
CA LYS B 254 -6.73 -5.60 24.15
C LYS B 254 -5.64 -6.65 24.20
N ILE B 255 -5.95 -7.85 23.74
CA ILE B 255 -5.00 -8.96 23.74
C ILE B 255 -5.06 -9.66 22.40
N SER B 256 -3.89 -10.03 21.88
CA SER B 256 -3.80 -10.82 20.65
C SER B 256 -2.89 -12.05 20.82
N PHE B 257 -3.31 -13.15 20.19
CA PHE B 257 -2.58 -14.39 20.20
C PHE B 257 -2.29 -14.79 18.74
N PRO B 258 -1.11 -14.47 18.23
CA PRO B 258 -0.73 -14.85 16.85
C PRO B 258 -0.83 -16.35 16.66
N TRP B 259 -1.23 -16.78 15.45
CA TRP B 259 -1.49 -18.18 15.21
C TRP B 259 -0.27 -19.03 15.51
N ASN B 260 0.91 -18.53 15.20
CA ASN B 260 2.13 -19.34 15.39
C ASN B 260 2.66 -19.31 16.83
N GLU B 261 1.89 -18.71 17.74
CA GLU B 261 2.28 -18.67 19.14
C GLU B 261 1.22 -19.36 20.01
N ILE B 262 0.32 -20.08 19.35
CA ILE B 262 -0.73 -20.85 20.01
C ILE B 262 -0.47 -22.33 19.77
N ARG B 263 -0.34 -23.10 20.86
CA ARG B 263 -0.05 -24.52 20.77
C ARG B 263 -1.27 -25.35 20.45
N ASN B 264 -2.36 -25.03 21.13
CA ASN B 264 -3.58 -25.78 21.00
C ASN B 264 -4.78 -24.89 21.29
N ILE B 265 -5.89 -25.21 20.65
CA ILE B 265 -7.15 -24.53 20.92
C ILE B 265 -8.19 -25.64 21.05
N SER B 266 -8.66 -25.87 22.27
CA SER B 266 -9.60 -26.94 22.54
C SER B 266 -10.90 -26.44 23.13
N TYR B 267 -11.91 -27.31 23.06
CA TYR B 267 -13.25 -26.99 23.46
C TYR B 267 -13.91 -28.17 24.17
N SER B 268 -14.61 -27.92 25.26
CA SER B 268 -15.34 -28.97 26.00
C SER B 268 -16.49 -28.33 26.76
N ASP B 269 -17.71 -28.61 26.31
CA ASP B 269 -18.89 -28.02 26.90
C ASP B 269 -18.80 -26.53 26.54
N LYS B 270 -19.15 -25.61 27.41
CA LYS B 270 -19.12 -24.21 26.96
C LYS B 270 -17.76 -23.54 27.09
N GLU B 271 -16.68 -24.30 27.26
CA GLU B 271 -15.39 -23.69 27.57
C GLU B 271 -14.30 -23.95 26.54
N PHE B 272 -13.66 -22.87 26.12
CA PHE B 272 -12.54 -22.90 25.18
C PHE B 272 -11.25 -22.66 25.97
N THR B 273 -10.16 -23.26 25.51
CA THR B 273 -8.86 -23.04 26.14
C THR B 273 -7.82 -22.74 25.07
N ILE B 274 -7.19 -21.57 25.16
CA ILE B 274 -6.11 -21.18 24.27
C ILE B 274 -4.80 -21.47 25.01
N LYS B 275 -3.99 -22.34 24.43
CA LYS B 275 -2.73 -22.75 25.03
C LYS B 275 -1.52 -22.12 24.32
N PRO B 276 -0.91 -21.13 24.94
CA PRO B 276 0.27 -20.48 24.37
C PRO B 276 1.45 -21.41 24.19
N LEU B 277 2.22 -21.19 23.14
CA LEU B 277 3.44 -21.94 22.89
C LEU B 277 4.45 -21.63 23.98
N ASP B 278 4.51 -20.36 24.36
CA ASP B 278 5.40 -19.88 25.42
C ASP B 278 4.79 -20.26 26.77
N LYS B 279 5.43 -21.21 27.43
CA LYS B 279 4.93 -21.75 28.70
C LYS B 279 4.92 -20.71 29.81
N LYS B 280 5.59 -19.59 29.61
CA LYS B 280 5.60 -18.55 30.64
C LYS B 280 4.24 -17.86 30.71
N ILE B 281 3.46 -17.97 29.63
CA ILE B 281 2.11 -17.40 29.56
C ILE B 281 1.08 -18.47 29.92
N ASP B 282 0.18 -18.16 30.85
CA ASP B 282 -0.85 -19.10 31.27
C ASP B 282 -1.89 -19.32 30.18
N VAL B 283 -2.58 -20.45 30.25
CA VAL B 283 -3.62 -20.74 29.29
C VAL B 283 -4.74 -19.71 29.44
N PHE B 284 -5.36 -19.35 28.32
CA PHE B 284 -6.46 -18.40 28.36
C PHE B 284 -7.80 -19.13 28.16
N LYS B 285 -8.68 -19.06 29.16
CA LYS B 285 -9.96 -19.75 29.07
C LYS B 285 -11.15 -18.78 28.97
N PHE B 286 -12.17 -19.18 28.22
CA PHE B 286 -13.36 -18.38 28.10
C PHE B 286 -14.56 -19.28 27.78
N ASN B 287 -15.77 -18.78 28.03
CA ASN B 287 -16.98 -19.54 27.79
C ASN B 287 -17.81 -18.95 26.64
N SER B 288 -18.48 -19.85 25.92
CA SER B 288 -19.39 -19.50 24.83
C SER B 288 -20.62 -20.43 24.85
N SER B 289 -21.80 -19.82 25.00
CA SER B 289 -23.07 -20.55 25.23
C SER B 289 -23.65 -21.43 24.10
N LYS B 290 -23.54 -20.98 22.87
CA LYS B 290 -24.17 -21.68 21.77
C LYS B 290 -23.29 -22.73 21.08
N LEU B 291 -23.79 -23.96 21.09
CA LEU B 291 -23.09 -25.09 20.49
C LEU B 291 -22.79 -24.83 19.00
N ARG B 292 -23.78 -24.31 18.29
CA ARG B 292 -23.63 -24.05 16.86
C ARG B 292 -22.60 -22.97 16.58
N VAL B 293 -22.44 -22.06 17.52
CA VAL B 293 -21.46 -21.00 17.38
C VAL B 293 -20.11 -21.61 17.68
N ASN B 294 -20.03 -22.44 18.72
CA ASN B 294 -18.76 -23.04 19.06
C ASN B 294 -18.21 -23.90 17.93
N LYS B 295 -19.10 -24.60 17.22
CA LYS B 295 -18.67 -25.40 16.09
C LYS B 295 -18.07 -24.48 15.02
N LEU B 296 -18.69 -23.34 14.79
CA LEU B 296 -18.18 -22.37 13.81
C LEU B 296 -16.84 -21.79 14.24
N ILE B 297 -16.71 -21.46 15.51
CA ILE B 297 -15.45 -20.93 16.02
C ILE B 297 -14.31 -21.90 15.74
N LEU B 298 -14.54 -23.18 16.01
CA LEU B 298 -13.53 -24.20 15.74
C LEU B 298 -13.18 -24.28 14.26
N GLN B 299 -14.20 -24.27 13.40
CA GLN B 299 -13.95 -24.28 11.95
C GLN B 299 -13.01 -23.14 11.59
N LEU B 300 -13.34 -21.94 12.04
CA LEU B 300 -12.55 -20.76 11.72
C LEU B 300 -11.16 -20.75 12.36
N CYS B 301 -10.99 -21.28 13.56
CA CYS B 301 -9.65 -21.34 14.16
C CYS B 301 -8.73 -22.29 13.40
N ILE B 302 -9.21 -23.49 13.12
CA ILE B 302 -8.42 -24.49 12.41
C ILE B 302 -7.99 -23.95 11.04
N GLY B 303 -8.93 -23.39 10.28
CA GLY B 303 -8.65 -22.92 8.94
C GLY B 303 -7.71 -21.73 8.92
N ASN B 304 -7.97 -20.77 9.80
CA ASN B 304 -7.10 -19.61 9.86
C ASN B 304 -5.68 -19.98 10.31
N HIS B 305 -5.57 -20.85 11.30
CA HIS B 305 -4.25 -21.25 11.75
C HIS B 305 -3.48 -21.87 10.57
N ASP B 306 -4.15 -22.75 9.85
CA ASP B 306 -3.60 -23.42 8.68
C ASP B 306 -3.05 -22.45 7.62
N LEU B 307 -3.88 -21.50 7.17
CA LEU B 307 -3.47 -20.55 6.14
C LEU B 307 -2.37 -19.63 6.63
N PHE B 308 -2.38 -19.29 7.92
CA PHE B 308 -1.34 -18.44 8.48
C PHE B 308 0.03 -19.09 8.24
N MET B 309 0.10 -20.38 8.45
CA MET B 309 1.36 -21.10 8.27
C MET B 309 1.68 -21.21 6.77
N ARG B 310 0.65 -21.53 5.99
CA ARG B 310 0.83 -21.75 4.56
C ARG B 310 1.37 -20.51 3.89
N ARG B 311 0.84 -19.37 4.29
CA ARG B 311 1.24 -18.13 3.67
C ARG B 311 2.68 -17.72 4.15
N ARG B 312 3.18 -18.34 5.22
CA ARG B 312 4.50 -17.98 5.80
C ARG B 312 5.69 -18.82 5.29
N LYS B 313 5.48 -20.11 5.16
CA LYS B 313 6.20 -20.96 4.19
C LYS B 313 5.90 -22.35 4.68
N ALA B 314 6.56 -23.36 4.12
CA ALA B 314 6.63 -24.64 4.76
C ALA B 314 6.39 -26.04 4.26
S SO4 C . 9.13 3.16 -14.08
O1 SO4 C . 10.21 2.25 -13.68
O2 SO4 C . 9.68 4.34 -14.74
O3 SO4 C . 8.25 2.45 -15.02
O4 SO4 C . 8.37 3.59 -12.91
S SO4 D . -3.82 5.32 9.13
O1 SO4 D . -3.31 5.03 7.79
O2 SO4 D . -2.85 6.11 9.86
O3 SO4 D . -5.05 6.11 9.03
O4 SO4 D . -4.07 4.03 9.80
S SO4 E . -4.46 17.03 -12.93
O1 SO4 E . -3.58 16.99 -11.77
O2 SO4 E . -5.83 16.74 -12.52
O3 SO4 E . -4.43 18.38 -13.50
O4 SO4 E . -4.01 16.06 -13.92
S SO4 F . 49.27 14.50 0.07
O1 SO4 F . 49.62 14.75 1.47
O2 SO4 F . 49.13 15.79 -0.61
O3 SO4 F . 50.33 13.72 -0.56
O4 SO4 F . 48.02 13.75 0.00
S SO4 G . -4.56 5.09 -9.22
O1 SO4 G . -3.63 5.20 -10.34
O2 SO4 G . -3.80 4.87 -8.00
O3 SO4 G . -5.36 6.32 -9.08
O4 SO4 G . -5.48 3.98 -9.45
S SO4 H . -23.85 -44.75 1.42
O1 SO4 H . -23.33 -45.96 2.04
O2 SO4 H . -22.77 -43.77 1.26
O3 SO4 H . -24.44 -45.09 0.12
O4 SO4 H . -24.90 -44.20 2.27
#